data_4F6O
#
_entry.id   4F6O
#
_cell.length_a   114.627
_cell.length_b   114.627
_cell.length_c   62.101
_cell.angle_alpha   90.00
_cell.angle_beta   90.00
_cell.angle_gamma   120.00
#
_symmetry.space_group_name_H-M   'H 3'
#
loop_
_entity.id
_entity.type
_entity.pdbx_description
1 polymer Metacaspase-1
2 non-polymer 1,1-diphenylethanol
3 water water
#
_entity_poly.entity_id   1
_entity_poly.type   'polypeptide(L)'
_entity_poly.pdbx_seq_one_letter_code
;EQAKAQLSNGYNNPNVNASNMYGPPQNMSLPPPQTQTIQGTDQPYQYSQCTGRRKALIIGINYIGSKNQLRGCINDAHNI
FNFLTNGYGYSSDDIVILTDDQNDLVRVPTRANMIRAMQWLVKDAQPNDSLFLHYSGHGGQTEDLDGDEEDGMDDVIYPV
DFETQGPIIDDEMHDIMVKPLQQGVRLTALFDSCHSGTVLDLPYTYSTKGIIKEPNIWKDVGQDGLQAAISYATGNRAAL
IGSLGSIFKTVKGGMGNNVDRERVRQIKFSAADVVMLSGSKDNQTSADAVEDGQNTGAMSHAFIKVMTLQPQQSYLSLLQ
NMRKELAGKYSQKPQLSSSHPIDVNLQFIM
;
_entity_poly.pdbx_strand_id   A
#
loop_
_chem_comp.id
_chem_comp.type
_chem_comp.name
_chem_comp.formula
DFH non-polymer 1,1-diphenylethanol 'C14 H14 O'
#
# COMPACT_ATOMS: atom_id res chain seq x y z
N SER A 8 1.15 10.70 30.26
CA SER A 8 0.50 9.45 29.88
C SER A 8 -0.17 9.60 28.51
N ASN A 9 0.39 8.92 27.52
CA ASN A 9 -0.07 9.04 26.15
C ASN A 9 -0.04 7.66 25.48
N GLY A 10 -1.20 7.02 25.40
CA GLY A 10 -1.32 5.71 24.78
C GLY A 10 -1.35 5.79 23.26
N TYR A 11 -1.66 6.96 22.72
CA TYR A 11 -1.51 7.19 21.28
C TYR A 11 -0.02 7.08 20.97
N ASN A 12 0.75 8.03 21.48
CA ASN A 12 2.18 8.14 21.18
C ASN A 12 3.08 7.13 21.90
N ASN A 13 2.78 6.81 23.16
CA ASN A 13 3.62 5.88 23.93
C ASN A 13 2.93 4.57 24.27
N PRO A 14 2.82 3.65 23.29
CA PRO A 14 2.14 2.39 23.58
C PRO A 14 3.02 1.47 24.42
N ASN A 15 2.41 0.56 25.18
CA ASN A 15 3.18 -0.41 25.95
C ASN A 15 3.88 -1.39 25.04
N VAL A 16 4.87 -2.09 25.58
CA VAL A 16 5.66 -3.07 24.83
C VAL A 16 5.26 -4.48 25.29
N ASN A 17 4.98 -5.37 24.34
CA ASN A 17 4.51 -6.71 24.69
C ASN A 17 5.64 -7.75 24.78
N ALA A 18 5.27 -9.01 24.98
CA ALA A 18 6.23 -10.08 25.17
C ALA A 18 7.13 -10.33 23.94
N SER A 19 6.69 -9.86 22.77
CA SER A 19 7.52 -9.98 21.56
C SER A 19 8.39 -8.73 21.38
N ASN A 20 8.40 -7.86 22.39
CA ASN A 20 9.15 -6.60 22.35
C ASN A 20 8.62 -5.63 21.28
N MET A 21 7.34 -5.76 20.94
CA MET A 21 6.75 -4.86 19.95
C MET A 21 5.67 -4.00 20.60
N TYR A 22 5.25 -2.93 19.93
CA TYR A 22 4.20 -2.08 20.48
C TYR A 22 2.86 -2.76 20.42
N GLY A 23 2.13 -2.72 21.53
CA GLY A 23 0.83 -3.33 21.59
C GLY A 23 -0.23 -2.49 20.93
N PRO A 24 -1.16 -3.15 20.22
CA PRO A 24 -2.39 -2.50 19.78
C PRO A 24 -3.22 -2.11 21.00
N PRO A 25 -4.33 -1.39 20.82
CA PRO A 25 -5.22 -1.07 21.95
C PRO A 25 -5.69 -2.34 22.66
N GLN A 26 -5.94 -2.29 23.97
CA GLN A 26 -6.39 -3.49 24.69
C GLN A 26 -7.62 -4.10 24.03
N ASN A 27 -8.56 -3.24 23.65
CA ASN A 27 -9.79 -3.68 23.03
C ASN A 27 -9.90 -3.03 21.69
N MET A 28 -9.59 -3.79 20.65
CA MET A 28 -9.52 -3.26 19.32
C MET A 28 -10.70 -3.77 18.50
N SER A 29 -11.40 -2.86 17.85
CA SER A 29 -12.58 -3.19 17.05
C SER A 29 -12.22 -3.44 15.59
N LEU A 30 -13.04 -4.23 14.90
CA LEU A 30 -12.95 -4.33 13.44
C LEU A 30 -13.53 -3.06 12.84
N PRO A 31 -13.11 -2.71 11.61
CA PRO A 31 -13.67 -1.51 11.00
C PRO A 31 -15.18 -1.66 10.86
N PRO A 32 -15.92 -0.57 11.07
CA PRO A 32 -17.39 -0.64 11.08
C PRO A 32 -17.94 -0.99 9.69
N PRO A 33 -19.04 -1.76 9.66
CA PRO A 33 -19.71 -2.14 8.42
C PRO A 33 -20.59 -1.01 7.87
N GLN A 34 -21.12 -0.19 8.77
CA GLN A 34 -22.01 0.91 8.37
C GLN A 34 -21.29 1.99 7.57
N THR A 35 -22.00 2.59 6.62
CA THR A 35 -21.54 3.77 5.90
C THR A 35 -21.15 4.84 6.91
N GLN A 36 -19.98 5.44 6.70
CA GLN A 36 -19.48 6.48 7.58
C GLN A 36 -19.68 7.82 6.89
N THR A 37 -19.78 8.88 7.67
CA THR A 37 -19.88 10.21 7.07
C THR A 37 -18.84 11.17 7.64
N ILE A 38 -18.57 12.24 6.91
CA ILE A 38 -17.66 13.27 7.36
C ILE A 38 -18.48 14.47 7.77
N GLN A 39 -18.19 15.02 8.94
CA GLN A 39 -19.00 16.12 9.49
C GLN A 39 -18.90 17.37 8.63
N GLY A 40 -20.03 18.05 8.44
CA GLY A 40 -20.06 19.30 7.71
C GLY A 40 -20.01 19.15 6.20
N THR A 41 -20.21 17.93 5.71
CA THR A 41 -20.32 17.70 4.27
C THR A 41 -21.08 16.42 3.96
N ASP A 42 -21.31 16.18 2.67
CA ASP A 42 -22.06 15.02 2.22
C ASP A 42 -21.17 14.09 1.42
N GLN A 43 -20.19 13.49 2.10
CA GLN A 43 -19.21 12.62 1.44
C GLN A 43 -19.08 11.31 2.20
N PRO A 44 -19.98 10.36 1.93
CA PRO A 44 -19.93 9.09 2.65
C PRO A 44 -18.70 8.27 2.24
N TYR A 45 -18.32 7.34 3.09
CA TYR A 45 -17.31 6.35 2.74
C TYR A 45 -17.60 5.10 3.54
N GLN A 46 -16.98 3.98 3.19
CA GLN A 46 -17.27 2.75 3.88
C GLN A 46 -16.01 1.92 3.94
N TYR A 47 -15.65 1.47 5.13
CA TYR A 47 -14.54 0.53 5.29
C TYR A 47 -14.92 -0.82 4.71
N SER A 48 -13.99 -1.45 4.01
CA SER A 48 -14.23 -2.81 3.53
C SER A 48 -14.12 -3.82 4.66
N GLN A 49 -14.95 -4.88 4.61
CA GLN A 49 -14.82 -5.95 5.59
C GLN A 49 -13.83 -7.00 5.09
N CYS A 50 -13.39 -6.84 3.85
CA CYS A 50 -12.38 -7.72 3.24
C CYS A 50 -12.83 -9.19 3.24
N THR A 51 -14.13 -9.38 3.04
CA THR A 51 -14.72 -10.71 3.00
C THR A 51 -14.96 -11.16 1.57
N GLY A 52 -14.72 -10.26 0.61
CA GLY A 52 -14.98 -10.55 -0.78
C GLY A 52 -13.77 -11.10 -1.54
N ARG A 53 -13.71 -10.75 -2.82
CA ARG A 53 -12.66 -11.18 -3.71
C ARG A 53 -11.33 -10.50 -3.35
N ARG A 54 -10.24 -11.28 -3.35
CA ARG A 54 -8.92 -10.73 -3.06
C ARG A 54 -8.08 -10.82 -4.32
N LYS A 55 -7.63 -9.66 -4.82
CA LYS A 55 -6.77 -9.66 -6.01
C LYS A 55 -5.55 -8.80 -5.75
N ALA A 56 -4.42 -9.15 -6.36
CA ALA A 56 -3.21 -8.34 -6.17
C ALA A 56 -2.47 -8.06 -7.47
N LEU A 57 -1.87 -6.86 -7.54
CA LEU A 57 -0.96 -6.50 -8.62
C LEU A 57 0.36 -6.17 -7.93
N ILE A 58 1.41 -6.91 -8.30
CA ILE A 58 2.71 -6.78 -7.67
C ILE A 58 3.71 -6.46 -8.75
N ILE A 59 4.49 -5.40 -8.59
CA ILE A 59 5.38 -4.94 -9.65
C ILE A 59 6.76 -4.71 -9.07
N GLY A 60 7.75 -5.40 -9.63
CA GLY A 60 9.13 -5.22 -9.20
C GLY A 60 10.02 -5.00 -10.40
N ILE A 61 10.77 -3.91 -10.41
CA ILE A 61 11.57 -3.57 -11.58
C ILE A 61 13.01 -3.29 -11.19
N ASN A 62 13.94 -4.07 -11.74
CA ASN A 62 15.36 -3.88 -11.47
C ASN A 62 16.08 -3.08 -12.56
N TYR A 63 15.43 -2.89 -13.72
CA TYR A 63 16.05 -2.16 -14.84
C TYR A 63 17.38 -2.81 -15.22
N ILE A 64 17.34 -4.13 -15.39
CA ILE A 64 18.53 -4.94 -15.63
C ILE A 64 19.20 -4.48 -16.92
N GLY A 65 20.49 -4.19 -16.81
CA GLY A 65 21.27 -3.81 -17.98
C GLY A 65 21.40 -2.31 -18.15
N SER A 66 20.58 -1.54 -17.43
CA SER A 66 20.58 -0.10 -17.59
C SER A 66 21.62 0.58 -16.69
N LYS A 67 21.75 1.89 -16.84
CA LYS A 67 22.72 2.67 -16.06
C LYS A 67 22.35 2.84 -14.59
N ASN A 68 21.09 2.60 -14.26
CA ASN A 68 20.65 2.61 -12.87
C ASN A 68 19.86 1.36 -12.55
N GLN A 69 20.52 0.23 -12.77
CA GLN A 69 19.99 -1.06 -12.38
C GLN A 69 19.86 -1.07 -10.85
N LEU A 70 18.75 -1.61 -10.36
CA LEU A 70 18.58 -1.77 -8.92
C LEU A 70 18.79 -3.23 -8.53
N ARG A 71 19.05 -3.48 -7.25
CA ARG A 71 19.43 -4.82 -6.80
C ARG A 71 18.31 -5.73 -6.25
N GLY A 72 17.34 -5.14 -5.56
CA GLY A 72 16.40 -5.94 -4.77
C GLY A 72 14.92 -5.78 -5.04
N CYS A 73 14.55 -5.05 -6.09
CA CYS A 73 13.13 -4.76 -6.30
C CYS A 73 12.33 -5.97 -6.76
N ILE A 74 12.95 -6.76 -7.64
CA ILE A 74 12.31 -8.00 -8.05
C ILE A 74 12.16 -8.93 -6.83
N ASN A 75 13.17 -8.98 -5.98
CA ASN A 75 13.09 -9.76 -4.75
C ASN A 75 11.98 -9.23 -3.82
N ASP A 76 11.79 -7.91 -3.75
CA ASP A 76 10.71 -7.31 -2.95
C ASP A 76 9.37 -7.84 -3.48
N ALA A 77 9.22 -7.84 -4.81
CA ALA A 77 8.00 -8.36 -5.41
C ALA A 77 7.75 -9.83 -5.07
N HIS A 78 8.79 -10.64 -5.17
CA HIS A 78 8.62 -12.04 -4.79
C HIS A 78 8.26 -12.21 -3.30
N ASN A 79 8.82 -11.35 -2.45
CA ASN A 79 8.53 -11.41 -1.01
C ASN A 79 7.06 -11.13 -0.77
N ILE A 80 6.56 -10.08 -1.42
CA ILE A 80 5.14 -9.76 -1.25
C ILE A 80 4.23 -10.85 -1.82
N PHE A 81 4.60 -11.41 -2.97
CA PHE A 81 3.82 -12.52 -3.53
C PHE A 81 3.71 -13.68 -2.53
N ASN A 82 4.87 -14.08 -1.99
CA ASN A 82 4.92 -15.18 -1.01
C ASN A 82 4.07 -14.87 0.24
N PHE A 83 4.25 -13.65 0.78
CA PHE A 83 3.50 -13.20 1.95
C PHE A 83 1.98 -13.27 1.73
N LEU A 84 1.53 -12.74 0.60
CA LEU A 84 0.09 -12.65 0.33
C LEU A 84 -0.53 -13.99 0.03
N THR A 85 0.14 -14.79 -0.78
CA THR A 85 -0.42 -16.09 -1.18
C THR A 85 -0.42 -17.07 -0.04
N ASN A 86 0.57 -16.95 0.85
CA ASN A 86 0.66 -17.96 1.89
C ASN A 86 0.00 -17.53 3.19
N GLY A 87 -0.23 -16.23 3.35
CA GLY A 87 -0.85 -15.75 4.58
C GLY A 87 -2.28 -15.27 4.47
N TYR A 88 -2.63 -14.70 3.33
CA TYR A 88 -3.77 -13.77 3.29
C TYR A 88 -4.81 -14.06 2.23
N GLY A 89 -4.79 -15.29 1.72
CA GLY A 89 -5.84 -15.77 0.83
C GLY A 89 -5.86 -15.17 -0.55
N TYR A 90 -4.72 -14.64 -1.00
CA TYR A 90 -4.61 -14.21 -2.40
C TYR A 90 -4.19 -15.40 -3.24
N SER A 91 -5.10 -15.89 -4.07
CA SER A 91 -4.82 -17.03 -4.94
C SER A 91 -3.95 -16.57 -6.10
N SER A 92 -3.08 -17.47 -6.57
N SER A 92 -3.06 -17.44 -6.58
CA SER A 92 -2.14 -17.15 -7.65
CA SER A 92 -2.13 -17.04 -7.64
C SER A 92 -2.84 -16.79 -8.95
C SER A 92 -2.84 -16.78 -8.97
N ASP A 93 -4.03 -17.33 -9.16
CA ASP A 93 -4.84 -17.00 -10.34
C ASP A 93 -5.39 -15.58 -10.23
N ASP A 94 -5.32 -15.02 -9.02
CA ASP A 94 -5.86 -13.69 -8.74
C ASP A 94 -4.74 -12.69 -8.45
N ILE A 95 -3.53 -13.03 -8.88
CA ILE A 95 -2.39 -12.14 -8.74
C ILE A 95 -1.72 -11.95 -10.08
N VAL A 96 -1.44 -10.70 -10.44
CA VAL A 96 -0.59 -10.41 -11.57
C VAL A 96 0.71 -9.90 -10.99
N ILE A 97 1.81 -10.58 -11.30
CA ILE A 97 3.11 -10.10 -10.89
C ILE A 97 3.93 -9.74 -12.13
N LEU A 98 4.41 -8.49 -12.16
CA LEU A 98 5.19 -8.00 -13.28
C LEU A 98 6.62 -7.75 -12.84
N THR A 99 7.56 -8.46 -13.44
CA THR A 99 8.98 -8.26 -13.12
C THR A 99 9.80 -8.33 -14.39
N ASP A 100 10.98 -7.70 -14.40
CA ASP A 100 11.75 -7.61 -15.65
C ASP A 100 12.92 -8.59 -15.76
N ASP A 101 12.87 -9.72 -15.04
CA ASP A 101 13.91 -10.76 -15.20
C ASP A 101 13.37 -12.10 -15.64
N GLN A 102 12.09 -12.14 -16.00
CA GLN A 102 11.50 -13.44 -16.33
C GLN A 102 11.14 -13.50 -17.82
N ASN A 103 10.66 -14.64 -18.29
CA ASN A 103 10.67 -14.91 -19.72
C ASN A 103 9.36 -14.76 -20.50
N ASP A 104 8.31 -14.25 -19.83
N ASP A 104 8.31 -14.29 -19.82
CA ASP A 104 7.01 -14.04 -20.46
CA ASP A 104 7.02 -14.02 -20.47
C ASP A 104 6.77 -12.55 -20.70
C ASP A 104 6.86 -12.52 -20.70
N LEU A 105 6.73 -12.13 -21.97
CA LEU A 105 6.63 -10.71 -22.31
C LEU A 105 5.41 -10.01 -21.68
N VAL A 106 4.29 -10.71 -21.58
CA VAL A 106 3.08 -10.09 -21.02
C VAL A 106 3.21 -9.82 -19.53
N ARG A 107 4.24 -10.37 -18.89
CA ARG A 107 4.48 -10.09 -17.46
C ARG A 107 5.65 -9.13 -17.25
N VAL A 108 6.18 -8.55 -18.33
CA VAL A 108 7.23 -7.54 -18.20
C VAL A 108 6.59 -6.19 -17.81
N PRO A 109 7.19 -5.46 -16.85
CA PRO A 109 6.60 -4.19 -16.43
C PRO A 109 6.90 -3.03 -17.37
N THR A 110 6.50 -3.19 -18.63
CA THR A 110 6.51 -2.08 -19.57
C THR A 110 5.38 -1.16 -19.17
N ARG A 111 5.38 0.06 -19.70
CA ARG A 111 4.33 1.01 -19.34
C ARG A 111 2.96 0.47 -19.71
N ALA A 112 2.84 -0.09 -20.91
CA ALA A 112 1.54 -0.60 -21.38
C ALA A 112 1.02 -1.76 -20.52
N ASN A 113 1.93 -2.65 -20.13
CA ASN A 113 1.54 -3.78 -19.32
C ASN A 113 1.13 -3.31 -17.92
N MET A 114 1.83 -2.29 -17.43
CA MET A 114 1.49 -1.76 -16.09
C MET A 114 0.13 -1.10 -16.08
N ILE A 115 -0.13 -0.30 -17.10
CA ILE A 115 -1.43 0.39 -17.19
C ILE A 115 -2.55 -0.64 -17.31
N ARG A 116 -2.33 -1.63 -18.18
CA ARG A 116 -3.34 -2.68 -18.35
C ARG A 116 -3.59 -3.47 -17.06
N ALA A 117 -2.52 -3.80 -16.34
CA ALA A 117 -2.65 -4.49 -15.05
C ALA A 117 -3.36 -3.65 -14.00
N MET A 118 -3.11 -2.34 -14.00
CA MET A 118 -3.81 -1.45 -13.07
C MET A 118 -5.31 -1.46 -13.35
N GLN A 119 -5.66 -1.41 -14.64
CA GLN A 119 -7.09 -1.51 -14.99
C GLN A 119 -7.69 -2.85 -14.57
N TRP A 120 -6.93 -3.91 -14.79
CA TRP A 120 -7.38 -5.24 -14.40
C TRP A 120 -7.65 -5.32 -12.90
N LEU A 121 -6.77 -4.70 -12.11
CA LEU A 121 -6.85 -4.86 -10.65
C LEU A 121 -8.20 -4.41 -10.09
N VAL A 122 -8.70 -3.28 -10.59
CA VAL A 122 -9.87 -2.65 -10.01
C VAL A 122 -11.15 -2.93 -10.82
N LYS A 123 -11.01 -3.60 -11.95
CA LYS A 123 -12.18 -3.90 -12.79
C LYS A 123 -13.21 -4.74 -12.06
N ASP A 124 -14.45 -4.25 -12.07
CA ASP A 124 -15.61 -4.96 -11.50
C ASP A 124 -15.48 -5.21 -10.00
N ALA A 125 -14.73 -4.34 -9.32
CA ALA A 125 -14.51 -4.49 -7.89
C ALA A 125 -15.80 -4.21 -7.12
N GLN A 126 -16.15 -5.11 -6.21
CA GLN A 126 -17.40 -5.00 -5.45
C GLN A 126 -17.12 -4.58 -4.01
N PRO A 127 -18.11 -3.95 -3.35
CA PRO A 127 -17.97 -3.64 -1.93
C PRO A 127 -17.51 -4.86 -1.13
N ASN A 128 -16.60 -4.65 -0.18
CA ASN A 128 -15.98 -5.70 0.62
C ASN A 128 -14.94 -6.57 -0.08
N ASP A 129 -14.65 -6.27 -1.34
CA ASP A 129 -13.46 -6.87 -1.96
C ASP A 129 -12.20 -6.27 -1.32
N SER A 130 -11.07 -6.95 -1.53
CA SER A 130 -9.79 -6.53 -1.00
C SER A 130 -8.71 -6.61 -2.10
N LEU A 131 -8.31 -5.45 -2.57
CA LEU A 131 -7.34 -5.35 -3.66
C LEU A 131 -6.00 -4.91 -3.09
N PHE A 132 -4.89 -5.44 -3.60
CA PHE A 132 -3.59 -5.08 -3.05
C PHE A 132 -2.69 -4.68 -4.23
N LEU A 133 -1.94 -3.60 -4.03
CA LEU A 133 -1.00 -3.12 -5.05
C LEU A 133 0.37 -2.98 -4.39
N HIS A 134 1.40 -3.53 -5.01
CA HIS A 134 2.75 -3.35 -4.51
C HIS A 134 3.62 -2.85 -5.65
N TYR A 135 4.44 -1.86 -5.38
CA TYR A 135 5.42 -1.41 -6.37
C TYR A 135 6.79 -1.21 -5.76
N SER A 136 7.80 -1.82 -6.38
CA SER A 136 9.19 -1.57 -6.03
C SER A 136 9.95 -1.30 -7.34
N GLY A 137 10.55 -0.11 -7.43
CA GLY A 137 11.31 0.32 -8.61
C GLY A 137 11.73 1.76 -8.40
N HIS A 138 12.03 2.49 -9.47
CA HIS A 138 12.39 3.89 -9.36
C HIS A 138 11.13 4.70 -9.10
N GLY A 139 11.26 5.69 -8.22
CA GLY A 139 10.21 6.67 -8.01
C GLY A 139 10.85 8.04 -8.13
N GLY A 140 10.04 9.07 -8.32
CA GLY A 140 10.61 10.40 -8.45
C GLY A 140 9.50 11.40 -8.25
N GLN A 141 9.91 12.66 -8.11
CA GLN A 141 8.94 13.74 -8.03
C GLN A 141 9.28 14.79 -9.08
N THR A 142 8.27 15.28 -9.79
CA THR A 142 8.49 16.24 -10.86
C THR A 142 7.96 17.63 -10.48
N ASP A 154 4.39 16.60 -8.89
CA ASP A 154 3.78 15.26 -8.97
C ASP A 154 4.76 14.17 -8.58
N ASP A 155 4.27 13.11 -7.94
CA ASP A 155 5.09 11.92 -7.76
C ASP A 155 4.85 10.99 -8.96
N VAL A 156 5.87 10.27 -9.39
CA VAL A 156 5.73 9.39 -10.55
C VAL A 156 6.43 8.06 -10.32
N ILE A 157 6.07 7.07 -11.13
CA ILE A 157 6.83 5.82 -11.13
C ILE A 157 7.33 5.51 -12.54
N TYR A 158 8.31 4.63 -12.65
CA TYR A 158 9.05 4.45 -13.90
C TYR A 158 8.96 3.03 -14.41
N PRO A 159 8.16 2.80 -15.47
CA PRO A 159 8.14 1.47 -16.12
C PRO A 159 9.51 1.15 -16.69
N VAL A 160 9.74 -0.12 -17.00
CA VAL A 160 11.07 -0.51 -17.46
C VAL A 160 11.44 0.17 -18.77
N ASP A 161 10.42 0.51 -19.57
CA ASP A 161 10.69 1.22 -20.82
C ASP A 161 10.45 2.72 -20.73
N PHE A 162 10.73 3.31 -19.56
CA PHE A 162 10.46 4.74 -19.36
C PHE A 162 11.27 5.65 -20.27
N GLU A 163 12.42 5.18 -20.76
CA GLU A 163 13.27 6.06 -21.58
C GLU A 163 12.57 6.45 -22.87
N THR A 164 11.69 5.58 -23.36
CA THR A 164 10.94 5.84 -24.59
C THR A 164 9.46 6.17 -24.37
N GLN A 165 8.88 5.66 -23.29
CA GLN A 165 7.44 5.79 -23.08
C GLN A 165 7.11 6.78 -21.97
N GLY A 166 8.10 7.11 -21.15
CA GLY A 166 7.89 8.02 -20.04
C GLY A 166 7.34 7.33 -18.81
N PRO A 167 7.20 8.09 -17.71
CA PRO A 167 6.68 7.58 -16.44
C PRO A 167 5.17 7.42 -16.41
N ILE A 168 4.66 6.89 -15.29
CA ILE A 168 3.23 6.97 -15.01
C ILE A 168 3.09 7.94 -13.85
N ILE A 169 2.31 8.98 -14.02
CA ILE A 169 2.22 10.02 -12.99
C ILE A 169 1.08 9.75 -12.02
N ASP A 170 1.17 10.37 -10.84
CA ASP A 170 0.19 10.19 -9.78
C ASP A 170 -1.28 10.41 -10.19
N ASP A 171 -1.56 11.46 -10.95
CA ASP A 171 -2.92 11.75 -11.36
C ASP A 171 -3.53 10.61 -12.19
N GLU A 172 -2.71 10.00 -13.04
CA GLU A 172 -3.20 8.89 -13.85
C GLU A 172 -3.45 7.64 -13.00
N MET A 173 -2.56 7.37 -12.05
CA MET A 173 -2.79 6.24 -11.15
C MET A 173 -4.04 6.43 -10.27
N HIS A 174 -4.26 7.65 -9.83
CA HIS A 174 -5.49 7.98 -9.12
C HIS A 174 -6.72 7.76 -10.03
N ASP A 175 -6.64 8.24 -11.28
CA ASP A 175 -7.76 8.11 -12.21
C ASP A 175 -8.09 6.66 -12.57
N ILE A 176 -7.07 5.81 -12.68
CA ILE A 176 -7.28 4.42 -13.02
C ILE A 176 -7.73 3.59 -11.82
N MET A 177 -7.08 3.78 -10.66
CA MET A 177 -7.25 2.84 -9.56
C MET A 177 -8.10 3.32 -8.40
N VAL A 178 -8.25 4.62 -8.25
CA VAL A 178 -9.01 5.14 -7.11
C VAL A 178 -10.38 5.64 -7.56
N LYS A 179 -10.38 6.49 -8.58
CA LYS A 179 -11.62 7.10 -9.10
C LYS A 179 -12.80 6.15 -9.38
N PRO A 180 -12.56 4.98 -10.02
CA PRO A 180 -13.70 4.10 -10.33
C PRO A 180 -14.23 3.27 -9.16
N LEU A 181 -13.49 3.22 -8.05
CA LEU A 181 -13.84 2.29 -6.96
C LEU A 181 -15.20 2.60 -6.31
N GLN A 182 -16.02 1.57 -6.19
CA GLN A 182 -17.31 1.66 -5.48
C GLN A 182 -17.10 1.85 -4.00
N GLN A 183 -18.14 2.35 -3.33
CA GLN A 183 -18.12 2.45 -1.88
C GLN A 183 -17.80 1.09 -1.25
N GLY A 184 -16.88 1.09 -0.28
CA GLY A 184 -16.58 -0.11 0.47
C GLY A 184 -15.60 -1.10 -0.15
N VAL A 185 -15.00 -0.75 -1.28
CA VAL A 185 -13.95 -1.57 -1.87
C VAL A 185 -12.63 -1.17 -1.23
N ARG A 186 -11.86 -2.15 -0.74
CA ARG A 186 -10.53 -1.87 -0.19
C ARG A 186 -9.48 -1.91 -1.28
N LEU A 187 -8.65 -0.88 -1.34
CA LEU A 187 -7.39 -0.98 -2.08
C LEU A 187 -6.30 -0.69 -1.06
N THR A 188 -5.42 -1.67 -0.82
CA THR A 188 -4.26 -1.48 0.05
C THR A 188 -3.05 -1.38 -0.84
N ALA A 189 -2.30 -0.28 -0.75
CA ALA A 189 -1.13 -0.13 -1.61
C ALA A 189 0.14 0.02 -0.78
N LEU A 190 1.20 -0.62 -1.26
N LEU A 190 1.19 -0.66 -1.22
CA LEU A 190 2.48 -0.62 -0.57
CA LEU A 190 2.47 -0.61 -0.54
C LEU A 190 3.57 -0.20 -1.56
C LEU A 190 3.53 -0.19 -1.54
N PHE A 191 4.17 0.96 -1.30
CA PHE A 191 5.24 1.44 -2.17
C PHE A 191 6.61 1.36 -1.51
N ASP A 192 7.53 0.64 -2.16
CA ASP A 192 8.91 0.53 -1.69
C ASP A 192 9.81 1.58 -2.33
N SER A 193 9.24 2.32 -3.28
CA SER A 193 9.99 3.31 -4.04
C SER A 193 10.18 4.59 -3.25
N CYS A 194 11.21 5.36 -3.61
CA CYS A 194 11.42 6.67 -3.00
C CYS A 194 10.51 7.75 -3.60
N HIS A 195 10.25 8.80 -2.82
CA HIS A 195 9.40 9.90 -3.26
C HIS A 195 8.05 9.44 -3.78
N SER A 196 7.39 8.55 -3.05
CA SER A 196 6.10 8.05 -3.50
C SER A 196 4.98 8.41 -2.53
N GLY A 197 5.26 9.31 -1.60
CA GLY A 197 4.29 9.68 -0.57
C GLY A 197 2.94 10.19 -1.05
N THR A 198 2.90 10.86 -2.20
CA THR A 198 1.63 11.37 -2.70
C THR A 198 1.26 10.73 -4.04
N VAL A 199 1.75 9.52 -4.27
CA VAL A 199 1.65 8.90 -5.59
C VAL A 199 0.21 8.48 -5.97
N LEU A 200 -0.70 8.42 -5.00
CA LEU A 200 -2.11 8.15 -5.33
C LEU A 200 -3.00 9.36 -5.06
N ASP A 201 -2.38 10.53 -4.85
CA ASP A 201 -3.11 11.78 -4.61
C ASP A 201 -4.10 11.70 -3.46
N LEU A 202 -3.82 10.88 -2.46
CA LEU A 202 -4.77 10.72 -1.34
C LEU A 202 -4.72 11.92 -0.39
N PRO A 203 -5.90 12.34 0.10
CA PRO A 203 -5.97 13.59 0.87
C PRO A 203 -5.68 13.48 2.38
N TYR A 204 -5.62 12.28 2.96
CA TYR A 204 -5.29 12.14 4.38
C TYR A 204 -3.93 11.47 4.55
N THR A 205 -3.11 11.99 5.47
CA THR A 205 -1.83 11.35 5.77
C THR A 205 -1.60 11.28 7.27
N TYR A 206 -1.20 10.09 7.73
CA TYR A 206 -0.95 9.75 9.14
C TYR A 206 0.49 9.31 9.33
N SER A 207 1.11 9.76 10.42
CA SER A 207 2.43 9.28 10.83
C SER A 207 2.29 8.61 12.18
N THR A 208 3.39 8.12 12.73
CA THR A 208 3.32 7.52 14.06
C THR A 208 2.95 8.54 15.13
N LYS A 209 3.07 9.82 14.80
CA LYS A 209 2.79 10.84 15.81
C LYS A 209 1.41 11.47 15.66
N GLY A 210 0.69 11.13 14.59
CA GLY A 210 -0.66 11.61 14.41
C GLY A 210 -0.97 12.06 12.99
N ILE A 211 -2.08 12.74 12.81
CA ILE A 211 -2.44 13.27 11.51
C ILE A 211 -1.45 14.34 11.09
N ILE A 212 -0.90 14.19 9.88
CA ILE A 212 0.00 15.21 9.39
C ILE A 212 -0.57 15.91 8.14
N LYS A 213 -1.60 15.32 7.54
CA LYS A 213 -2.29 16.01 6.45
C LYS A 213 -3.77 15.63 6.37
N GLU A 214 -4.63 16.62 6.17
CA GLU A 214 -6.04 16.34 5.95
C GLU A 214 -6.69 17.53 5.24
N PRO A 215 -7.84 17.29 4.57
CA PRO A 215 -8.42 18.38 3.77
C PRO A 215 -8.91 19.50 4.69
N ASN A 216 -8.74 20.74 4.26
CA ASN A 216 -9.26 21.89 5.00
C ASN A 216 -10.49 22.41 4.29
N ILE A 217 -11.65 21.89 4.66
CA ILE A 217 -12.91 22.30 4.03
C ILE A 217 -13.90 22.92 5.03
N PHE A 269 -14.94 13.53 -2.83
CA PHE A 269 -14.13 12.51 -2.19
C PHE A 269 -14.61 11.11 -2.51
N SER A 270 -13.68 10.16 -2.54
CA SER A 270 -14.02 8.76 -2.80
C SER A 270 -14.86 8.20 -1.67
N ALA A 271 -15.74 7.25 -1.97
CA ALA A 271 -16.46 6.54 -0.93
C ALA A 271 -15.81 5.19 -0.68
N ALA A 272 -14.76 4.90 -1.45
CA ALA A 272 -14.05 3.63 -1.30
C ALA A 272 -13.16 3.64 -0.06
N ASP A 273 -12.39 2.58 0.09
CA ASP A 273 -11.55 2.38 1.27
C ASP A 273 -10.11 2.20 0.79
N VAL A 274 -9.43 3.31 0.48
CA VAL A 274 -8.08 3.25 -0.07
C VAL A 274 -7.07 3.63 1.00
N VAL A 275 -6.12 2.74 1.26
N VAL A 275 -6.07 2.78 1.18
CA VAL A 275 -5.04 3.06 2.20
CA VAL A 275 -5.06 2.98 2.20
C VAL A 275 -3.72 2.70 1.57
C VAL A 275 -3.69 2.64 1.63
N MET A 276 -2.69 3.47 1.88
CA MET A 276 -1.39 3.23 1.29
C MET A 276 -0.27 3.44 2.29
N LEU A 277 0.78 2.63 2.20
CA LEU A 277 1.98 2.76 3.01
C LEU A 277 3.15 3.12 2.13
N SER A 278 3.94 4.11 2.56
CA SER A 278 5.17 4.46 1.85
C SER A 278 6.19 5.05 2.81
N GLY A 279 7.44 5.14 2.39
CA GLY A 279 8.49 5.59 3.28
C GLY A 279 9.05 6.93 2.85
N SER A 280 9.48 7.74 3.82
CA SER A 280 10.21 8.97 3.52
C SER A 280 11.49 9.04 4.34
N LYS A 281 12.56 9.55 3.73
CA LYS A 281 13.88 9.55 4.37
C LYS A 281 13.95 10.31 5.70
N ASN A 295 20.58 -3.39 -2.02
CA ASN A 295 19.59 -2.92 -1.06
C ASN A 295 18.27 -3.72 -1.13
N THR A 296 17.23 -3.21 -0.47
CA THR A 296 15.97 -3.93 -0.39
C THR A 296 14.84 -2.93 -0.09
N GLY A 297 13.59 -3.36 -0.27
CA GLY A 297 12.45 -2.48 -0.04
C GLY A 297 12.20 -2.32 1.45
N ALA A 298 12.35 -1.10 1.96
CA ALA A 298 12.24 -0.90 3.40
C ALA A 298 10.82 -1.13 3.89
N MET A 299 9.86 -0.62 3.12
CA MET A 299 8.46 -0.74 3.54
C MET A 299 7.96 -2.17 3.50
N SER A 300 8.25 -2.92 2.44
CA SER A 300 7.79 -4.31 2.43
C SER A 300 8.54 -5.16 3.46
N HIS A 301 9.82 -4.85 3.69
CA HIS A 301 10.58 -5.54 4.73
C HIS A 301 9.90 -5.39 6.09
N ALA A 302 9.63 -4.13 6.44
CA ALA A 302 9.03 -3.85 7.74
C ALA A 302 7.62 -4.42 7.86
N PHE A 303 6.81 -4.22 6.83
CA PHE A 303 5.43 -4.69 6.83
C PHE A 303 5.37 -6.21 6.99
N ILE A 304 6.17 -6.93 6.20
CA ILE A 304 6.15 -8.39 6.24
C ILE A 304 6.66 -8.90 7.58
N LYS A 305 7.73 -8.31 8.11
CA LYS A 305 8.23 -8.80 9.40
C LYS A 305 7.23 -8.56 10.52
N VAL A 306 6.69 -7.34 10.60
CA VAL A 306 5.73 -7.05 11.66
C VAL A 306 4.52 -7.96 11.56
N MET A 307 3.95 -8.11 10.36
CA MET A 307 2.72 -8.89 10.22
C MET A 307 2.95 -10.40 10.38
N THR A 308 4.17 -10.85 10.07
CA THR A 308 4.53 -12.25 10.28
C THR A 308 4.65 -12.54 11.77
N LEU A 309 5.34 -11.67 12.51
CA LEU A 309 5.57 -11.97 13.93
C LEU A 309 4.38 -11.68 14.84
N GLN A 310 3.66 -10.59 14.54
CA GLN A 310 2.52 -10.19 15.36
C GLN A 310 1.39 -9.71 14.47
N PRO A 311 0.57 -10.65 13.97
CA PRO A 311 -0.44 -10.35 12.95
C PRO A 311 -1.55 -9.42 13.44
N GLN A 312 -1.69 -9.26 14.75
CA GLN A 312 -2.74 -8.41 15.31
C GLN A 312 -2.21 -7.00 15.47
N GLN A 313 -2.70 -6.08 14.63
CA GLN A 313 -2.22 -4.69 14.68
C GLN A 313 -3.37 -3.74 14.40
N SER A 314 -3.32 -2.56 15.01
CA SER A 314 -4.19 -1.47 14.57
C SER A 314 -3.44 -0.73 13.46
N TYR A 315 -4.09 0.23 12.81
CA TYR A 315 -3.38 1.03 11.81
C TYR A 315 -2.17 1.70 12.49
N LEU A 316 -2.42 2.28 13.66
CA LEU A 316 -1.37 3.01 14.37
C LEU A 316 -0.27 2.08 14.87
N SER A 317 -0.64 0.93 15.45
CA SER A 317 0.39 0.05 15.96
C SER A 317 1.20 -0.57 14.83
N LEU A 318 0.56 -0.80 13.68
CA LEU A 318 1.30 -1.25 12.50
C LEU A 318 2.34 -0.20 12.13
N LEU A 319 1.92 1.06 12.01
CA LEU A 319 2.92 2.12 11.73
C LEU A 319 4.06 2.18 12.77
N GLN A 320 3.69 2.13 14.04
CA GLN A 320 4.68 2.25 15.11
C GLN A 320 5.67 1.10 15.07
N ASN A 321 5.17 -0.12 14.85
CA ASN A 321 6.01 -1.29 14.81
C ASN A 321 6.88 -1.35 13.57
N MET A 322 6.35 -0.88 12.44
CA MET A 322 7.19 -0.77 11.25
C MET A 322 8.31 0.23 11.48
N ARG A 323 8.00 1.37 12.10
CA ARG A 323 9.04 2.35 12.38
C ARG A 323 10.08 1.77 13.33
N LYS A 324 9.63 0.99 14.30
CA LYS A 324 10.52 0.34 15.25
C LYS A 324 11.46 -0.63 14.54
N GLU A 325 10.92 -1.39 13.58
CA GLU A 325 11.73 -2.35 12.83
C GLU A 325 12.74 -1.64 11.93
N LEU A 326 12.37 -0.47 11.41
CA LEU A 326 13.26 0.25 10.49
C LEU A 326 14.35 1.07 11.18
N ALA A 327 14.13 1.40 12.45
CA ALA A 327 15.06 2.27 13.17
C ALA A 327 16.48 1.72 13.19
N GLY A 328 17.45 2.60 13.02
CA GLY A 328 18.85 2.23 13.04
C GLY A 328 19.35 1.73 11.69
N LYS A 329 18.69 0.70 11.17
CA LYS A 329 19.13 0.06 9.92
C LYS A 329 18.72 0.86 8.69
N TYR A 330 17.48 1.34 8.67
CA TYR A 330 16.97 2.08 7.52
C TYR A 330 16.73 3.56 7.82
N SER A 331 16.92 4.39 6.81
CA SER A 331 16.79 5.83 6.95
C SER A 331 15.40 6.29 6.55
N GLN A 332 14.41 5.40 6.70
CA GLN A 332 13.04 5.69 6.26
C GLN A 332 12.04 5.61 7.41
N LYS A 333 11.04 6.49 7.38
CA LYS A 333 9.92 6.38 8.31
C LYS A 333 8.62 6.15 7.55
N PRO A 334 7.79 5.25 8.08
CA PRO A 334 6.59 4.87 7.34
C PRO A 334 5.48 5.88 7.54
N GLN A 335 4.70 6.10 6.49
CA GLN A 335 3.50 6.92 6.58
C GLN A 335 2.33 6.23 5.90
N LEU A 336 1.13 6.52 6.43
CA LEU A 336 -0.10 5.93 5.97
C LEU A 336 -0.96 6.99 5.32
N SER A 337 -1.29 6.86 4.03
CA SER A 337 -2.23 7.82 3.44
C SER A 337 -3.55 7.14 3.13
N SER A 338 -4.62 7.93 3.07
CA SER A 338 -5.94 7.35 2.91
C SER A 338 -6.88 8.26 2.15
N SER A 339 -7.91 7.66 1.57
CA SER A 339 -8.94 8.41 0.84
C SER A 339 -9.99 8.97 1.81
N HIS A 340 -9.96 8.48 3.04
CA HIS A 340 -10.95 8.89 4.05
C HIS A 340 -10.31 8.97 5.44
N PRO A 341 -10.98 9.65 6.38
CA PRO A 341 -10.40 9.68 7.72
C PRO A 341 -10.30 8.26 8.27
N ILE A 342 -9.22 7.97 8.97
CA ILE A 342 -9.05 6.65 9.58
C ILE A 342 -9.14 6.76 11.09
N ASP A 343 -9.90 5.86 11.71
CA ASP A 343 -9.81 5.66 13.15
C ASP A 343 -8.62 4.74 13.33
N VAL A 344 -7.50 5.31 13.75
CA VAL A 344 -6.25 4.55 13.68
C VAL A 344 -6.18 3.44 14.70
N ASN A 345 -7.13 3.43 15.65
CA ASN A 345 -7.18 2.38 16.64
C ASN A 345 -7.96 1.15 16.17
N LEU A 346 -8.55 1.22 14.99
CA LEU A 346 -9.23 0.05 14.43
C LEU A 346 -8.20 -0.99 14.03
N GLN A 347 -8.62 -2.25 14.01
CA GLN A 347 -7.71 -3.31 13.55
C GLN A 347 -7.41 -3.15 12.07
N PHE A 348 -6.13 -3.33 11.70
CA PHE A 348 -5.73 -3.38 10.32
C PHE A 348 -6.00 -4.79 9.78
N ILE A 349 -6.92 -4.89 8.82
CA ILE A 349 -7.21 -6.17 8.16
C ILE A 349 -6.95 -6.07 6.65
N MET A 350 -6.84 -7.22 5.99
CA MET A 350 -6.65 -7.31 4.54
C MET A 350 -7.46 -8.47 4.00
C1 DFH B . 12.98 -6.88 -19.99
C2 DFH B . 12.86 -5.52 -20.32
C3 DFH B . 12.15 -5.10 -21.44
C4 DFH B . 11.57 -6.08 -22.25
C5 DFH B . 11.71 -7.43 -21.92
C6 DFH B . 12.42 -7.90 -20.79
C7 DFH B . 12.56 -9.40 -20.44
C8 DFH B . 11.96 -10.28 -21.58
C9 DFH B . 12.57 -10.34 -22.83
C10 DFH B . 12.03 -11.09 -23.89
C11 DFH B . 10.86 -11.84 -23.71
O15 DFH B . 13.96 -9.71 -20.28
C14 DFH B . 11.91 -9.70 -19.10
C13 DFH B . 10.79 -11.03 -21.43
C12 DFH B . 10.24 -11.81 -22.46
#